data_8V7S
#
_entry.id   8V7S
#
_cell.length_a   62.631
_cell.length_b   44.015
_cell.length_c   92.509
_cell.angle_alpha   90.00
_cell.angle_beta   97.20
_cell.angle_gamma   90.00
#
_symmetry.space_group_name_H-M   'P 1 21 1'
#
loop_
_entity.id
_entity.type
_entity.pdbx_description
1 polymer 'Invasin IpaD'
2 water water
#
_entity_poly.entity_id   1
_entity_poly.type   'polypeptide(L)'
_entity_poly.pdbx_seq_one_letter_code
;MELDGDQMISHRELWAKIANSINDINEQYLKVYEHAVSSYTQMYQDFSAVLSSLAGWISPGGNDGNSVKLQVNSLKKALE
ELKEKYKDKPLYPANNTVSQEQANKWLTELGGTIGKVSQKNGGYVVSINMTPIDNMLKSLDNLGGNGEVVLDNAKYQAWN
AGFSAEDETMKNNLQTLVQKYSNANSIFDNLVKVLSSTISS
;
_entity_poly.pdbx_strand_id   A,B
#
# COMPACT_ATOMS: atom_id res chain seq x y z
N ASP A 4 40.58 17.85 1.13
CA ASP A 4 39.35 18.19 1.84
C ASP A 4 38.47 19.12 1.00
N GLY A 5 38.21 20.32 1.53
CA GLY A 5 37.31 21.24 0.87
C GLY A 5 37.88 21.86 -0.40
N ASP A 6 39.19 21.89 -0.55
CA ASP A 6 39.82 22.48 -1.72
C ASP A 6 40.20 21.47 -2.80
N GLN A 7 40.04 20.17 -2.52
CA GLN A 7 40.38 19.15 -3.51
C GLN A 7 39.44 19.22 -4.70
N MET A 8 40.02 19.12 -5.90
CA MET A 8 39.25 19.23 -7.14
C MET A 8 38.76 17.85 -7.58
N ILE A 9 37.60 17.84 -8.23
CA ILE A 9 37.01 16.62 -8.75
C ILE A 9 36.47 16.91 -10.15
N SER A 10 36.55 15.92 -11.03
CA SER A 10 36.07 16.08 -12.38
C SER A 10 34.63 15.58 -12.50
N HIS A 11 33.95 16.05 -13.54
CA HIS A 11 32.66 15.50 -13.89
C HIS A 11 32.76 14.01 -14.21
N ARG A 12 33.90 13.59 -14.77
CA ARG A 12 34.11 12.18 -15.06
C ARG A 12 34.16 11.34 -13.79
N GLU A 13 34.86 11.84 -12.76
CA GLU A 13 34.92 11.11 -11.49
C GLU A 13 33.56 11.08 -10.79
N LEU A 14 32.74 12.11 -10.98
CA LEU A 14 31.41 12.10 -10.37
C LEU A 14 30.54 11.02 -10.98
N TRP A 15 30.62 10.82 -12.29
CA TRP A 15 29.83 9.78 -12.94
C TRP A 15 30.18 8.40 -12.40
N ALA A 16 31.47 8.15 -12.16
CA ALA A 16 31.90 6.84 -11.67
C ALA A 16 31.41 6.60 -10.25
N LYS A 17 31.46 7.63 -9.40
CA LYS A 17 30.99 7.47 -8.03
C LYS A 17 29.48 7.26 -7.96
N ILE A 18 28.75 7.80 -8.94
CA ILE A 18 27.30 7.60 -8.97
C ILE A 18 26.96 6.22 -9.51
N ALA A 19 27.68 5.77 -10.55
CA ALA A 19 27.44 4.44 -11.10
C ALA A 19 27.74 3.35 -10.06
N ASN A 20 28.71 3.58 -9.19
CA ASN A 20 29.01 2.60 -8.14
C ASN A 20 27.85 2.48 -7.16
N SER A 21 27.17 3.58 -6.87
CA SER A 21 26.04 3.54 -5.95
C SER A 21 24.81 2.90 -6.58
N ILE A 22 24.52 3.23 -7.83
CA ILE A 22 23.38 2.62 -8.52
C ILE A 22 23.57 1.11 -8.63
N ASN A 23 24.81 0.68 -8.91
CA ASN A 23 25.11 -0.75 -8.87
C ASN A 23 24.93 -1.30 -7.47
N ASP A 24 25.40 -0.58 -6.46
CA ASP A 24 25.25 -1.03 -5.08
C ASP A 24 23.78 -1.12 -4.69
N ILE A 25 22.97 -0.15 -5.10
CA ILE A 25 21.54 -0.18 -4.79
C ILE A 25 20.87 -1.36 -5.46
N ASN A 26 21.31 -1.73 -6.67
CA ASN A 26 20.73 -2.87 -7.34
C ASN A 26 21.09 -4.18 -6.64
N GLU A 27 22.33 -4.29 -6.14
CA GLU A 27 22.76 -5.52 -5.49
C GLU A 27 22.29 -5.61 -4.05
N GLN A 28 22.19 -4.47 -3.34
CA GLN A 28 21.91 -4.48 -1.91
C GLN A 28 20.47 -4.13 -1.58
N TYR A 29 19.65 -3.73 -2.55
CA TYR A 29 18.29 -3.31 -2.26
C TYR A 29 17.28 -3.95 -3.20
N LEU A 30 17.49 -3.81 -4.51
CA LEU A 30 16.53 -4.34 -5.48
C LEU A 30 16.59 -5.86 -5.54
N LYS A 31 17.78 -6.41 -5.74
CA LYS A 31 17.91 -7.86 -5.87
C LYS A 31 17.62 -8.58 -4.56
N VAL A 32 17.78 -7.91 -3.42
CA VAL A 32 17.35 -8.48 -2.15
C VAL A 32 15.83 -8.61 -2.14
N TYR A 33 15.12 -7.57 -2.60
CA TYR A 33 13.67 -7.64 -2.72
C TYR A 33 13.25 -8.71 -3.73
N GLU A 34 13.97 -8.82 -4.84
CA GLU A 34 13.61 -9.78 -5.88
C GLU A 34 13.70 -11.21 -5.38
N HIS A 35 14.70 -11.50 -4.53
CA HIS A 35 14.84 -12.85 -4.00
C HIS A 35 13.83 -13.13 -2.89
N ALA A 36 13.57 -12.14 -2.02
CA ALA A 36 12.61 -12.34 -0.95
C ALA A 36 11.21 -12.58 -1.51
N VAL A 37 10.84 -11.88 -2.57
CA VAL A 37 9.54 -12.09 -3.21
C VAL A 37 9.47 -13.49 -3.79
N SER A 38 10.55 -13.93 -4.45
CA SER A 38 10.56 -15.24 -5.08
C SER A 38 10.52 -16.35 -4.03
N SER A 39 11.34 -16.23 -2.98
CA SER A 39 11.40 -17.29 -1.97
C SER A 39 10.08 -17.43 -1.24
N TYR A 40 9.39 -16.32 -0.96
CA TYR A 40 8.07 -16.41 -0.34
C TYR A 40 7.02 -16.91 -1.32
N THR A 41 7.19 -16.60 -2.61
CA THR A 41 6.24 -17.08 -3.60
C THR A 41 6.32 -18.59 -3.78
N GLN A 42 7.55 -19.13 -3.77
CA GLN A 42 7.71 -20.57 -3.87
C GLN A 42 7.07 -21.30 -2.70
N MET A 43 7.08 -20.69 -1.51
CA MET A 43 6.51 -21.36 -0.34
C MET A 43 4.99 -21.43 -0.44
N TYR A 44 4.34 -20.32 -0.79
CA TYR A 44 2.88 -20.33 -0.88
C TYR A 44 2.40 -21.24 -2.00
N GLN A 45 3.12 -21.24 -3.14
CA GLN A 45 2.77 -22.18 -4.20
C GLN A 45 2.89 -23.61 -3.73
N ASP A 46 3.82 -23.89 -2.82
CA ASP A 46 3.90 -25.21 -2.20
C ASP A 46 2.84 -25.39 -1.11
N PHE A 47 2.40 -24.30 -0.48
CA PHE A 47 1.33 -24.41 0.51
C PHE A 47 0.01 -24.83 -0.13
N SER A 48 -0.18 -24.53 -1.41
CA SER A 48 -1.40 -24.92 -2.12
C SER A 48 -1.55 -26.43 -2.19
N ALA A 49 -0.57 -27.17 -1.67
CA ALA A 49 -0.58 -28.64 -1.71
C ALA A 49 -1.56 -29.17 -0.67
N VAL A 50 -1.33 -28.81 0.58
CA VAL A 50 -2.30 -28.96 1.66
C VAL A 50 -3.63 -28.33 1.26
N LEU A 51 -3.60 -27.32 0.37
CA LEU A 51 -4.83 -26.69 -0.10
C LEU A 51 -5.51 -27.51 -1.19
N SER A 52 -4.77 -27.87 -2.25
CA SER A 52 -5.36 -28.65 -3.33
C SER A 52 -5.75 -30.06 -2.90
N SER A 53 -5.28 -30.52 -1.74
CA SER A 53 -5.64 -31.83 -1.21
C SER A 53 -6.73 -31.74 -0.14
N LEU A 54 -7.19 -30.53 0.19
CA LEU A 54 -8.19 -30.38 1.24
C LEU A 54 -9.54 -30.95 0.83
N ALA A 55 -9.88 -30.86 -0.46
CA ALA A 55 -11.19 -31.35 -0.90
C ALA A 55 -11.31 -32.85 -0.72
N GLY A 56 -10.26 -33.61 -1.08
CA GLY A 56 -10.30 -35.05 -0.91
C GLY A 56 -10.19 -35.48 0.54
N TRP A 57 -9.53 -34.67 1.37
CA TRP A 57 -9.39 -34.96 2.79
C TRP A 57 -10.64 -34.61 3.59
N ILE A 58 -11.69 -34.11 2.94
CA ILE A 58 -12.96 -33.80 3.58
C ILE A 58 -14.03 -34.67 2.95
N SER A 59 -14.89 -35.27 3.77
CA SER A 59 -15.98 -36.10 3.30
C SER A 59 -17.01 -36.21 4.42
N PRO A 60 -18.21 -36.72 4.13
CA PRO A 60 -19.26 -36.74 5.15
C PRO A 60 -19.09 -37.85 6.18
N GLY A 61 -19.55 -37.56 7.39
CA GLY A 61 -19.48 -38.50 8.49
C GLY A 61 -20.74 -38.55 9.32
N SER A 67 -22.54 -35.33 9.20
CA SER A 67 -21.39 -34.64 9.79
C SER A 67 -20.27 -34.46 8.75
N VAL A 68 -19.09 -34.08 9.22
CA VAL A 68 -17.93 -33.89 8.36
C VAL A 68 -16.74 -34.59 9.00
N LYS A 69 -16.07 -35.43 8.23
CA LYS A 69 -14.84 -36.07 8.65
C LYS A 69 -13.65 -35.45 7.92
N LEU A 70 -12.53 -35.35 8.62
CA LEU A 70 -11.34 -34.70 8.08
C LEU A 70 -10.11 -35.54 8.40
N GLN A 71 -9.34 -35.87 7.37
CA GLN A 71 -8.05 -36.52 7.53
C GLN A 71 -7.01 -35.53 8.05
N VAL A 72 -6.93 -35.38 9.38
CA VAL A 72 -6.05 -34.40 9.99
C VAL A 72 -4.59 -34.84 9.91
N ASN A 73 -4.33 -36.14 10.05
CA ASN A 73 -2.95 -36.60 10.01
C ASN A 73 -2.32 -36.34 8.65
N SER A 74 -3.10 -36.52 7.59
CA SER A 74 -2.63 -36.15 6.25
C SER A 74 -2.55 -34.63 6.10
N LEU A 75 -3.52 -33.91 6.67
CA LEU A 75 -3.46 -32.46 6.61
C LEU A 75 -2.30 -31.92 7.43
N LYS A 76 -1.84 -32.67 8.43
CA LYS A 76 -0.73 -32.25 9.28
C LYS A 76 0.62 -32.74 8.74
N LYS A 77 0.69 -33.94 8.15
CA LYS A 77 1.97 -34.38 7.60
C LYS A 77 2.46 -33.45 6.50
N ALA A 78 1.52 -32.87 5.72
CA ALA A 78 1.92 -32.02 4.61
C ALA A 78 2.35 -30.63 5.09
N LEU A 79 1.71 -30.11 6.14
CA LEU A 79 2.11 -28.81 6.65
C LEU A 79 3.47 -28.86 7.32
N GLU A 80 3.74 -29.93 8.07
CA GLU A 80 5.04 -30.09 8.70
C GLU A 80 6.14 -30.30 7.66
N GLU A 81 5.80 -30.88 6.50
CA GLU A 81 6.77 -30.96 5.41
C GLU A 81 7.01 -29.60 4.77
N LEU A 82 5.98 -28.75 4.74
CA LEU A 82 6.15 -27.41 4.18
C LEU A 82 7.13 -26.58 5.01
N LYS A 83 7.11 -26.75 6.33
CA LYS A 83 8.07 -26.06 7.18
C LYS A 83 9.49 -26.61 6.97
N GLU A 84 9.61 -27.90 6.72
CA GLU A 84 10.93 -28.50 6.53
C GLU A 84 11.59 -28.02 5.25
N LYS A 85 10.81 -27.87 4.18
CA LYS A 85 11.39 -27.45 2.90
C LYS A 85 11.92 -26.03 2.98
N TYR A 86 11.26 -25.16 3.74
CA TYR A 86 11.67 -23.76 3.87
C TYR A 86 12.22 -23.46 5.26
N LYS A 87 12.67 -24.48 5.98
CA LYS A 87 13.37 -24.27 7.25
C LYS A 87 14.67 -23.51 7.03
N ASP A 88 15.32 -23.71 5.89
CA ASP A 88 16.58 -23.07 5.57
C ASP A 88 16.53 -22.39 4.20
N LYS A 89 15.34 -21.95 3.79
CA LYS A 89 15.19 -21.13 2.60
C LYS A 89 14.75 -19.73 3.03
N PRO A 90 15.70 -18.88 3.45
CA PRO A 90 15.33 -17.60 4.05
C PRO A 90 14.90 -16.58 2.99
N LEU A 91 14.39 -15.45 3.49
CA LEU A 91 14.04 -14.35 2.60
C LEU A 91 15.24 -13.47 2.30
N TYR A 92 16.10 -13.26 3.28
CA TYR A 92 17.30 -12.45 3.15
C TYR A 92 18.29 -12.97 4.18
N PRO A 93 19.55 -13.25 3.80
CA PRO A 93 20.07 -13.10 2.43
C PRO A 93 19.89 -14.36 1.58
N ALA A 94 20.08 -14.22 0.26
CA ALA A 94 19.96 -15.36 -0.62
C ALA A 94 21.07 -16.38 -0.36
N ASN A 95 22.27 -15.90 -0.01
CA ASN A 95 23.39 -16.77 0.29
C ASN A 95 24.04 -16.35 1.60
N ASN A 96 24.59 -17.32 2.30
CA ASN A 96 25.37 -17.11 3.53
C ASN A 96 24.48 -16.40 4.56
N THR A 97 25.11 -15.68 5.49
CA THR A 97 24.42 -14.95 6.55
C THR A 97 24.81 -13.48 6.51
N VAL A 98 24.22 -12.70 7.41
CA VAL A 98 24.52 -11.29 7.58
C VAL A 98 24.58 -10.99 9.07
N SER A 99 24.85 -9.73 9.40
CA SER A 99 24.80 -9.30 10.79
C SER A 99 23.36 -9.31 11.30
N GLN A 100 23.22 -9.39 12.62
CA GLN A 100 21.89 -9.28 13.22
C GLN A 100 21.35 -7.87 13.05
N GLU A 101 22.19 -6.85 13.24
CA GLU A 101 21.80 -5.48 12.96
C GLU A 101 21.43 -5.31 11.50
N GLN A 102 22.17 -5.97 10.61
CA GLN A 102 21.81 -5.97 9.19
C GLN A 102 20.52 -6.73 8.94
N ALA A 103 20.28 -7.81 9.68
CA ALA A 103 19.08 -8.60 9.48
C ALA A 103 17.85 -7.86 10.00
N ASN A 104 17.98 -7.16 11.13
CA ASN A 104 16.85 -6.40 11.66
C ASN A 104 16.49 -5.23 10.76
N LYS A 105 17.47 -4.71 10.00
CA LYS A 105 17.18 -3.64 9.05
C LYS A 105 16.18 -4.09 8.00
N TRP A 106 16.28 -5.34 7.56
CA TRP A 106 15.37 -5.86 6.54
C TRP A 106 14.13 -6.51 7.14
N LEU A 107 14.18 -6.93 8.40
CA LEU A 107 12.96 -7.40 9.05
C LEU A 107 11.95 -6.26 9.20
N THR A 108 12.44 -5.05 9.47
CA THR A 108 11.55 -3.90 9.53
C THR A 108 11.09 -3.48 8.13
N GLU A 109 11.98 -3.55 7.15
CA GLU A 109 11.62 -3.16 5.79
C GLU A 109 10.59 -4.09 5.18
N LEU A 110 10.63 -5.37 5.53
CA LEU A 110 9.68 -6.35 5.01
C LEU A 110 8.52 -6.62 5.96
N GLY A 111 8.63 -6.24 7.23
CA GLY A 111 7.57 -6.46 8.19
C GLY A 111 7.73 -7.74 8.97
N GLY A 112 7.53 -7.66 10.29
CA GLY A 112 7.64 -8.83 11.14
C GLY A 112 6.58 -9.89 10.93
N THR A 113 5.65 -9.68 10.00
CA THR A 113 4.60 -10.65 9.72
C THR A 113 5.04 -11.70 8.71
N ILE A 114 6.03 -11.41 7.86
CA ILE A 114 6.50 -12.36 6.88
C ILE A 114 7.92 -12.83 7.17
N GLY A 115 8.73 -12.03 7.85
CA GLY A 115 10.10 -12.38 8.17
C GLY A 115 10.28 -12.66 9.65
N LYS A 116 11.43 -13.25 9.97
CA LYS A 116 11.74 -13.61 11.35
C LYS A 116 13.26 -13.80 11.45
N VAL A 117 13.89 -12.99 12.30
CA VAL A 117 15.35 -13.05 12.43
C VAL A 117 15.75 -14.31 13.17
N SER A 118 16.66 -15.08 12.59
CA SER A 118 17.14 -16.32 13.17
C SER A 118 18.67 -16.32 13.19
N GLN A 119 19.22 -16.93 14.23
CA GLN A 119 20.68 -17.07 14.38
C GLN A 119 21.08 -18.44 13.86
N LYS A 120 21.51 -18.48 12.60
CA LYS A 120 21.91 -19.75 12.00
C LYS A 120 23.21 -20.28 12.61
N ASN A 121 24.20 -19.41 12.73
CA ASN A 121 25.46 -19.75 13.40
C ASN A 121 25.96 -18.55 14.17
N GLY A 122 27.19 -18.10 13.88
CA GLY A 122 27.62 -16.81 14.36
C GLY A 122 26.94 -15.67 13.64
N GLY A 123 26.52 -15.91 12.38
CA GLY A 123 25.80 -14.92 11.61
C GLY A 123 24.30 -15.14 11.64
N TYR A 124 23.58 -14.20 11.03
CA TYR A 124 22.13 -14.15 11.09
C TYR A 124 21.52 -14.15 9.70
N VAL A 125 20.27 -14.63 9.62
CA VAL A 125 19.46 -14.57 8.42
C VAL A 125 18.06 -14.12 8.81
N VAL A 126 17.27 -13.76 7.81
CA VAL A 126 15.86 -13.45 7.99
C VAL A 126 15.08 -14.56 7.31
N SER A 127 14.58 -15.51 8.10
CA SER A 127 13.87 -16.65 7.56
C SER A 127 12.41 -16.30 7.30
N ILE A 128 11.73 -17.19 6.58
CA ILE A 128 10.31 -17.02 6.31
C ILE A 128 9.53 -17.30 7.58
N ASN A 129 8.61 -16.40 7.92
CA ASN A 129 7.78 -16.56 9.11
C ASN A 129 6.69 -17.59 8.81
N MET A 130 6.85 -18.79 9.37
CA MET A 130 5.88 -19.87 9.22
C MET A 130 4.83 -19.87 10.32
N THR A 131 4.51 -18.71 10.89
CA THR A 131 3.48 -18.65 11.92
C THR A 131 2.11 -19.06 11.43
N PRO A 132 1.62 -18.62 10.25
CA PRO A 132 0.34 -19.16 9.77
C PRO A 132 0.34 -20.67 9.62
N ILE A 133 1.43 -21.26 9.15
CA ILE A 133 1.52 -22.72 9.08
C ILE A 133 1.51 -23.31 10.48
N ASP A 134 2.16 -22.66 11.44
CA ASP A 134 2.11 -23.11 12.82
C ASP A 134 0.69 -22.97 13.38
N ASN A 135 0.03 -21.86 13.09
CA ASN A 135 -1.32 -21.63 13.61
C ASN A 135 -2.27 -22.73 13.18
N MET A 136 -2.20 -23.15 11.91
CA MET A 136 -3.10 -24.19 11.42
C MET A 136 -2.77 -25.54 12.06
N LEU A 137 -1.48 -25.82 12.28
CA LEU A 137 -1.10 -27.08 12.91
C LEU A 137 -1.59 -27.18 14.35
N LYS A 138 -1.62 -26.05 15.07
CA LYS A 138 -2.04 -26.09 16.47
C LYS A 138 -3.55 -26.25 16.59
N SER A 139 -4.33 -25.76 15.61
CA SER A 139 -5.76 -25.97 15.64
C SER A 139 -6.15 -27.33 15.08
N LEU A 140 -5.39 -27.83 14.09
CA LEU A 140 -5.53 -29.23 13.69
C LEU A 140 -5.23 -30.15 14.86
N ASP A 141 -4.38 -29.72 15.79
CA ASP A 141 -4.13 -30.47 17.01
C ASP A 141 -5.38 -30.53 17.87
N ASN A 142 -5.90 -29.36 18.25
CA ASN A 142 -7.01 -29.23 19.20
C ASN A 142 -8.25 -30.01 18.77
N LEU A 143 -8.30 -30.42 17.50
CA LEU A 143 -9.44 -31.20 17.04
C LEU A 143 -9.47 -32.59 17.69
N GLY A 144 -8.32 -33.15 18.04
CA GLY A 144 -8.28 -34.51 18.55
C GLY A 144 -8.29 -35.54 17.44
N GLY A 145 -8.77 -36.73 17.78
CA GLY A 145 -8.97 -37.80 16.82
C GLY A 145 -7.81 -38.78 16.77
N ASN A 146 -8.14 -40.03 16.43
CA ASN A 146 -7.12 -41.08 16.37
C ASN A 146 -6.11 -40.79 15.28
N GLY A 147 -6.57 -40.51 14.07
CA GLY A 147 -5.74 -40.12 12.96
C GLY A 147 -6.63 -39.47 11.92
N GLU A 148 -7.87 -39.92 11.91
CA GLU A 148 -8.97 -39.28 11.19
C GLU A 148 -9.97 -38.76 12.21
N VAL A 149 -10.50 -37.57 11.96
CA VAL A 149 -11.44 -36.95 12.90
C VAL A 149 -12.78 -36.78 12.20
N VAL A 150 -13.84 -36.97 12.97
CA VAL A 150 -15.21 -36.69 12.55
C VAL A 150 -15.70 -35.52 13.39
N LEU A 151 -16.15 -34.46 12.72
CA LEU A 151 -16.48 -33.21 13.38
C LEU A 151 -17.97 -32.93 13.26
N ASP A 152 -18.51 -32.29 14.30
CA ASP A 152 -19.79 -31.62 14.16
C ASP A 152 -19.71 -30.61 13.03
N ASN A 153 -20.85 -30.39 12.36
CA ASN A 153 -20.88 -29.40 11.29
C ASN A 153 -20.52 -28.00 11.80
N ALA A 154 -20.66 -27.76 13.10
CA ALA A 154 -20.38 -26.44 13.64
C ALA A 154 -18.89 -26.17 13.76
N LYS A 155 -18.08 -27.21 13.98
CA LYS A 155 -16.62 -27.06 14.01
C LYS A 155 -16.05 -26.94 12.62
N TYR A 156 -16.47 -27.84 11.73
CA TYR A 156 -15.93 -27.86 10.38
C TYR A 156 -16.01 -26.49 9.74
N GLN A 157 -17.10 -25.76 9.99
CA GLN A 157 -17.20 -24.39 9.51
C GLN A 157 -16.36 -23.46 10.37
N ALA A 158 -16.36 -23.69 11.68
CA ALA A 158 -15.48 -22.93 12.57
C ALA A 158 -14.02 -23.19 12.26
N TRP A 159 -13.65 -24.44 11.99
CA TRP A 159 -12.26 -24.76 11.70
C TRP A 159 -11.88 -24.32 10.29
N ASN A 160 -12.74 -24.60 9.30
CA ASN A 160 -12.42 -24.24 7.93
C ASN A 160 -12.38 -22.73 7.73
N ALA A 161 -13.13 -21.98 8.54
CA ALA A 161 -13.08 -20.52 8.45
C ALA A 161 -11.73 -19.99 8.93
N GLY A 162 -11.29 -20.44 10.12
CA GLY A 162 -10.01 -20.00 10.62
C GLY A 162 -8.84 -20.51 9.81
N PHE A 163 -8.97 -21.71 9.24
CA PHE A 163 -7.91 -22.23 8.37
C PHE A 163 -7.76 -21.37 7.12
N SER A 164 -8.89 -21.05 6.47
CA SER A 164 -8.86 -20.19 5.30
C SER A 164 -8.45 -18.76 5.66
N ALA A 165 -8.59 -18.37 6.93
CA ALA A 165 -8.10 -17.05 7.35
C ALA A 165 -6.59 -17.03 7.42
N GLU A 166 -5.96 -18.14 7.79
CA GLU A 166 -4.51 -18.21 7.79
C GLU A 166 -3.95 -18.21 6.37
N ASP A 167 -4.65 -18.90 5.45
CA ASP A 167 -4.25 -18.86 4.05
C ASP A 167 -4.43 -17.45 3.48
N GLU A 168 -5.48 -16.75 3.90
CA GLU A 168 -5.71 -15.40 3.41
C GLU A 168 -4.66 -14.42 3.94
N THR A 169 -4.07 -14.71 5.09
CA THR A 169 -2.99 -13.86 5.59
C THR A 169 -1.72 -14.07 4.78
N MET A 170 -1.42 -15.31 4.40
CA MET A 170 -0.27 -15.57 3.54
C MET A 170 -0.49 -15.01 2.14
N LYS A 171 -1.73 -15.03 1.65
CA LYS A 171 -2.02 -14.41 0.36
C LYS A 171 -1.82 -12.91 0.41
N ASN A 172 -2.27 -12.26 1.49
CA ASN A 172 -2.04 -10.83 1.65
C ASN A 172 -0.60 -10.54 2.05
N ASN A 173 0.07 -11.48 2.71
CA ASN A 173 1.49 -11.32 2.99
C ASN A 173 2.30 -11.29 1.69
N LEU A 174 1.90 -12.09 0.71
CA LEU A 174 2.66 -12.18 -0.54
C LEU A 174 2.51 -10.92 -1.38
N GLN A 175 1.26 -10.51 -1.63
CA GLN A 175 1.03 -9.36 -2.50
C GLN A 175 1.52 -8.06 -1.88
N THR A 176 1.49 -7.97 -0.54
CA THR A 176 2.10 -6.82 0.13
C THR A 176 3.59 -6.76 -0.16
N LEU A 177 4.24 -7.93 -0.23
CA LEU A 177 5.65 -7.97 -0.62
C LEU A 177 5.84 -7.72 -2.10
N VAL A 178 4.87 -8.13 -2.93
CA VAL A 178 4.95 -7.90 -4.37
C VAL A 178 4.85 -6.41 -4.67
N GLN A 179 3.97 -5.69 -3.96
CA GLN A 179 3.82 -4.26 -4.19
C GLN A 179 4.97 -3.46 -3.57
N LYS A 180 5.51 -3.92 -2.44
CA LYS A 180 6.69 -3.27 -1.89
C LYS A 180 7.87 -3.39 -2.84
N TYR A 181 7.98 -4.53 -3.53
CA TYR A 181 9.07 -4.71 -4.49
C TYR A 181 8.86 -3.85 -5.73
N SER A 182 7.61 -3.77 -6.22
CA SER A 182 7.33 -2.96 -7.40
C SER A 182 7.51 -1.48 -7.12
N ASN A 183 7.20 -1.06 -5.89
CA ASN A 183 7.48 0.32 -5.49
C ASN A 183 8.98 0.57 -5.37
N ALA A 184 9.74 -0.45 -4.96
CA ALA A 184 11.20 -0.32 -4.91
C ALA A 184 11.77 -0.06 -6.30
N ASN A 185 11.23 -0.74 -7.31
CA ASN A 185 11.65 -0.48 -8.68
C ASN A 185 11.22 0.92 -9.12
N SER A 186 10.05 1.37 -8.67
CA SER A 186 9.59 2.71 -9.00
C SER A 186 10.51 3.76 -8.39
N ILE A 187 11.00 3.52 -7.17
CA ILE A 187 11.96 4.43 -6.56
C ILE A 187 13.27 4.42 -7.34
N PHE A 188 13.74 3.22 -7.72
CA PHE A 188 14.99 3.11 -8.47
C PHE A 188 14.87 3.75 -9.84
N ASP A 189 13.72 3.61 -10.50
CA ASP A 189 13.53 4.20 -11.82
C ASP A 189 13.63 5.72 -11.75
N ASN A 190 12.87 6.34 -10.84
CA ASN A 190 12.90 7.79 -10.72
C ASN A 190 14.21 8.28 -10.12
N LEU A 191 14.88 7.44 -9.32
CA LEU A 191 16.18 7.81 -8.79
C LEU A 191 17.20 8.00 -9.91
N VAL A 192 17.17 7.12 -10.91
CA VAL A 192 18.07 7.24 -12.04
C VAL A 192 17.69 8.45 -12.89
N LYS A 193 16.38 8.69 -13.07
CA LYS A 193 15.92 9.76 -13.95
C LYS A 193 16.43 11.12 -13.48
N VAL A 194 16.22 11.45 -12.21
CA VAL A 194 16.68 12.75 -11.71
C VAL A 194 18.20 12.82 -11.60
N LEU A 195 18.87 11.67 -11.51
CA LEU A 195 20.32 11.61 -11.53
C LEU A 195 20.88 11.59 -12.95
N SER A 196 20.15 10.98 -13.89
CA SER A 196 20.61 10.98 -15.27
C SER A 196 20.73 12.38 -15.83
N SER A 197 19.92 13.32 -15.32
CA SER A 197 19.92 14.68 -15.85
C SER A 197 19.39 15.60 -14.74
N THR A 198 20.28 16.05 -13.88
CA THR A 198 19.90 16.93 -12.78
C THR A 198 19.95 18.39 -13.22
N ASP B 4 30.78 17.02 -21.04
CA ASP B 4 32.22 17.11 -20.97
C ASP B 4 32.73 16.67 -19.60
N GLY B 5 33.56 15.62 -19.59
CA GLY B 5 34.03 15.03 -18.35
C GLY B 5 35.27 15.64 -17.75
N ASP B 6 35.98 16.49 -18.49
CA ASP B 6 37.17 17.16 -17.94
C ASP B 6 36.82 18.36 -17.09
N GLN B 7 35.57 18.81 -17.10
CA GLN B 7 35.14 19.97 -16.33
C GLN B 7 35.34 19.73 -14.84
N MET B 8 36.27 20.48 -14.23
CA MET B 8 36.59 20.31 -12.82
C MET B 8 35.65 21.17 -11.96
N ILE B 9 35.51 20.75 -10.70
CA ILE B 9 34.69 21.46 -9.73
C ILE B 9 35.25 21.19 -8.35
N SER B 10 35.25 22.23 -7.50
CA SER B 10 35.78 22.09 -6.15
C SER B 10 34.89 21.20 -5.30
N HIS B 11 35.49 20.59 -4.27
CA HIS B 11 34.70 19.89 -3.26
C HIS B 11 33.77 20.86 -2.53
N ARG B 12 34.22 22.11 -2.36
CA ARG B 12 33.37 23.12 -1.72
C ARG B 12 32.25 23.57 -2.64
N GLU B 13 32.57 23.81 -3.92
CA GLU B 13 31.53 24.12 -4.90
C GLU B 13 30.53 22.98 -5.03
N LEU B 14 31.00 21.73 -4.87
CA LEU B 14 30.12 20.58 -5.00
C LEU B 14 29.15 20.49 -3.82
N TRP B 15 29.63 20.81 -2.61
CA TRP B 15 28.76 20.78 -1.44
C TRP B 15 27.61 21.77 -1.59
N ALA B 16 27.89 22.96 -2.13
CA ALA B 16 26.85 23.96 -2.30
C ALA B 16 25.88 23.58 -3.41
N LYS B 17 26.40 22.98 -4.49
CA LYS B 17 25.52 22.54 -5.57
C LYS B 17 24.59 21.42 -5.13
N ILE B 18 25.06 20.55 -4.22
CA ILE B 18 24.21 19.50 -3.68
C ILE B 18 23.12 20.11 -2.80
N ALA B 19 23.51 21.00 -1.89
CA ALA B 19 22.53 21.64 -1.03
C ALA B 19 21.55 22.48 -1.82
N ASN B 20 21.96 22.98 -2.99
CA ASN B 20 21.03 23.71 -3.85
C ASN B 20 20.04 22.77 -4.52
N SER B 21 20.51 21.61 -4.98
CA SER B 21 19.61 20.66 -5.63
C SER B 21 18.67 20.02 -4.60
N ILE B 22 19.18 19.72 -3.41
CA ILE B 22 18.34 19.11 -2.37
C ILE B 22 17.21 20.06 -1.97
N ASN B 23 17.55 21.33 -1.71
CA ASN B 23 16.55 22.30 -1.32
C ASN B 23 15.53 22.51 -2.43
N ASP B 24 15.97 22.49 -3.69
CA ASP B 24 15.04 22.64 -4.81
C ASP B 24 14.08 21.46 -4.88
N ILE B 25 14.57 20.25 -4.59
CA ILE B 25 13.72 19.06 -4.65
C ILE B 25 12.69 19.09 -3.53
N ASN B 26 13.13 19.34 -2.30
CA ASN B 26 12.20 19.36 -1.17
C ASN B 26 11.14 20.45 -1.33
N GLU B 27 11.49 21.56 -1.99
CA GLU B 27 10.53 22.65 -2.13
C GLU B 27 9.60 22.43 -3.33
N GLN B 28 10.10 21.83 -4.40
CA GLN B 28 9.34 21.70 -5.64
C GLN B 28 8.89 20.26 -5.91
N TYR B 29 8.91 19.40 -4.89
CA TYR B 29 8.55 17.99 -5.09
C TYR B 29 8.06 17.37 -3.79
N LEU B 30 8.87 17.44 -2.74
CA LEU B 30 8.48 16.82 -1.47
C LEU B 30 7.34 17.59 -0.82
N LYS B 31 7.52 18.90 -0.61
CA LYS B 31 6.48 19.69 0.04
C LYS B 31 5.25 19.85 -0.83
N VAL B 32 5.38 19.66 -2.15
CA VAL B 32 4.20 19.62 -3.01
C VAL B 32 3.43 18.33 -2.80
N TYR B 33 4.15 17.20 -2.71
CA TYR B 33 3.49 15.92 -2.48
C TYR B 33 2.85 15.86 -1.09
N GLU B 34 3.52 16.43 -0.09
CA GLU B 34 3.01 16.38 1.27
C GLU B 34 1.70 17.16 1.41
N HIS B 35 1.64 18.36 0.82
CA HIS B 35 0.41 19.15 0.90
C HIS B 35 -0.71 18.53 0.10
N ALA B 36 -0.40 17.88 -1.02
CA ALA B 36 -1.43 17.17 -1.76
C ALA B 36 -2.02 16.03 -0.94
N VAL B 37 -1.16 15.26 -0.26
CA VAL B 37 -1.64 14.25 0.67
C VAL B 37 -2.39 14.91 1.82
N SER B 38 -1.87 16.02 2.33
CA SER B 38 -2.52 16.71 3.44
C SER B 38 -3.93 17.14 3.07
N SER B 39 -4.11 17.75 1.88
CA SER B 39 -5.41 18.26 1.50
C SER B 39 -6.42 17.14 1.30
N TYR B 40 -5.97 15.99 0.81
CA TYR B 40 -6.91 14.93 0.48
C TYR B 40 -7.36 14.14 1.70
N THR B 41 -6.48 13.92 2.68
CA THR B 41 -6.92 13.25 3.90
C THR B 41 -7.91 14.12 4.67
N GLN B 42 -7.62 15.43 4.78
CA GLN B 42 -8.54 16.33 5.48
C GLN B 42 -9.87 16.43 4.74
N MET B 43 -9.83 16.38 3.40
CA MET B 43 -11.06 16.29 2.64
C MET B 43 -11.80 15.00 2.97
N TYR B 44 -11.09 13.87 2.91
CA TYR B 44 -11.73 12.59 3.22
C TYR B 44 -12.08 12.49 4.70
N GLN B 45 -11.34 13.18 5.57
CA GLN B 45 -11.69 13.18 6.99
C GLN B 45 -13.02 13.88 7.22
N ASP B 46 -13.28 14.96 6.48
CA ASP B 46 -14.57 15.63 6.58
C ASP B 46 -15.68 14.77 5.98
N PHE B 47 -15.39 14.01 4.93
CA PHE B 47 -16.36 13.05 4.42
C PHE B 47 -16.55 11.90 5.39
N SER B 48 -15.49 11.52 6.12
CA SER B 48 -15.64 10.51 7.17
C SER B 48 -16.58 11.00 8.27
N ALA B 49 -16.64 12.32 8.48
CA ALA B 49 -17.59 12.87 9.45
C ALA B 49 -19.02 12.82 8.94
N VAL B 50 -19.22 12.79 7.63
CA VAL B 50 -20.57 12.69 7.09
C VAL B 50 -21.07 11.25 7.13
N LEU B 51 -20.18 10.27 6.92
CA LEU B 51 -20.58 8.88 7.10
C LEU B 51 -20.92 8.58 8.56
N SER B 52 -20.26 9.25 9.50
CA SER B 52 -20.63 9.11 10.90
C SER B 52 -22.00 9.70 11.17
N SER B 53 -22.27 10.88 10.62
CA SER B 53 -23.58 11.50 10.76
C SER B 53 -24.65 10.84 9.90
N LEU B 54 -24.26 9.95 8.98
CA LEU B 54 -25.24 9.23 8.18
C LEU B 54 -26.09 8.30 9.03
N ALA B 55 -25.59 7.87 10.18
CA ALA B 55 -26.36 6.99 11.06
C ALA B 55 -27.63 7.68 11.54
N GLY B 56 -27.50 8.93 11.98
CA GLY B 56 -28.67 9.70 12.36
C GLY B 56 -29.57 10.09 11.21
N TRP B 57 -29.19 9.78 9.97
CA TRP B 57 -29.98 10.12 8.79
C TRP B 57 -30.62 8.89 8.15
N ILE B 58 -30.50 7.72 8.76
CA ILE B 58 -31.10 6.49 8.26
C ILE B 58 -31.68 5.72 9.45
N SER B 59 -32.99 5.48 9.39
CA SER B 59 -33.75 4.79 10.42
C SER B 59 -34.75 3.88 9.72
N PRO B 60 -35.20 2.80 10.38
CA PRO B 60 -36.20 1.93 9.73
C PRO B 60 -37.49 2.68 9.45
N GLY B 61 -38.11 2.35 8.32
CA GLY B 61 -39.37 2.96 7.94
C GLY B 61 -40.18 2.01 7.08
N GLY B 62 -41.44 2.38 6.87
CA GLY B 62 -42.36 1.60 6.08
C GLY B 62 -43.44 0.95 6.93
N ASN B 63 -44.38 0.31 6.24
CA ASN B 63 -45.49 -0.35 6.93
C ASN B 63 -45.01 -1.52 7.77
N ASP B 64 -44.18 -2.38 7.18
CA ASP B 64 -43.69 -3.56 7.90
C ASP B 64 -42.49 -3.22 8.78
N GLY B 65 -41.58 -2.39 8.28
CA GLY B 65 -40.41 -1.99 9.04
C GLY B 65 -39.10 -2.53 8.51
N ASN B 66 -39.11 -3.35 7.46
CA ASN B 66 -37.87 -3.83 6.87
C ASN B 66 -37.14 -2.75 6.08
N SER B 67 -37.87 -1.80 5.52
CA SER B 67 -37.29 -0.80 4.63
C SER B 67 -36.46 0.22 5.40
N VAL B 68 -35.90 1.17 4.65
CA VAL B 68 -35.05 2.24 5.16
C VAL B 68 -35.72 3.57 4.87
N LYS B 69 -35.63 4.50 5.81
CA LYS B 69 -36.11 5.86 5.62
C LYS B 69 -34.91 6.81 5.68
N LEU B 70 -34.26 7.01 4.54
CA LEU B 70 -33.09 7.88 4.45
C LEU B 70 -33.53 9.31 4.12
N GLN B 71 -33.22 10.24 5.02
CA GLN B 71 -33.49 11.66 4.78
C GLN B 71 -32.39 12.17 3.85
N VAL B 72 -32.68 12.21 2.55
CA VAL B 72 -31.66 12.55 1.58
C VAL B 72 -31.33 14.04 1.61
N ASN B 73 -32.25 14.88 2.08
CA ASN B 73 -32.00 16.31 2.11
C ASN B 73 -30.91 16.65 3.12
N SER B 74 -30.86 15.94 4.24
CA SER B 74 -29.79 16.15 5.21
C SER B 74 -28.46 15.61 4.67
N LEU B 75 -28.50 14.49 3.95
CA LEU B 75 -27.28 13.94 3.36
C LEU B 75 -26.83 14.77 2.16
N LYS B 76 -27.78 15.24 1.34
CA LYS B 76 -27.43 16.11 0.22
C LYS B 76 -26.84 17.43 0.72
N LYS B 77 -27.38 17.95 1.83
CA LYS B 77 -26.86 19.19 2.38
C LYS B 77 -25.41 19.04 2.85
N ALA B 78 -25.08 17.90 3.46
CA ALA B 78 -23.74 17.71 3.98
C ALA B 78 -22.72 17.49 2.87
N LEU B 79 -23.08 16.71 1.85
CA LEU B 79 -22.15 16.47 0.75
C LEU B 79 -21.89 17.73 -0.05
N GLU B 80 -22.86 18.64 -0.11
CA GLU B 80 -22.67 19.87 -0.87
C GLU B 80 -21.85 20.90 -0.10
N GLU B 81 -22.03 20.96 1.23
CA GLU B 81 -21.17 21.83 2.04
C GLU B 81 -19.73 21.34 2.01
N LEU B 82 -19.53 20.03 1.92
CA LEU B 82 -18.18 19.49 1.77
C LEU B 82 -17.57 19.92 0.44
N LYS B 83 -18.38 19.99 -0.61
CA LYS B 83 -17.90 20.46 -1.91
C LYS B 83 -17.51 21.93 -1.84
N GLU B 84 -18.39 22.77 -1.30
CA GLU B 84 -18.12 24.20 -1.22
C GLU B 84 -16.96 24.51 -0.28
N LYS B 85 -16.64 23.60 0.64
CA LYS B 85 -15.51 23.85 1.54
C LYS B 85 -14.18 23.69 0.82
N TYR B 86 -14.09 22.79 -0.15
CA TYR B 86 -12.82 22.46 -0.80
C TYR B 86 -12.73 22.94 -2.24
N LYS B 87 -13.64 23.83 -2.66
CA LYS B 87 -13.43 24.54 -3.92
C LYS B 87 -12.20 25.44 -3.84
N ASP B 88 -11.84 25.86 -2.63
CA ASP B 88 -10.77 26.83 -2.43
C ASP B 88 -9.52 26.20 -1.80
N LYS B 89 -9.52 24.87 -1.67
CA LYS B 89 -8.46 24.10 -1.04
C LYS B 89 -7.94 23.09 -2.07
N PRO B 90 -7.00 23.48 -2.92
CA PRO B 90 -6.52 22.58 -3.97
C PRO B 90 -5.36 21.70 -3.51
N LEU B 91 -5.12 20.64 -4.28
CA LEU B 91 -3.99 19.77 -4.01
C LEU B 91 -2.68 20.51 -4.18
N TYR B 92 -2.56 21.30 -5.26
CA TYR B 92 -1.37 22.04 -5.59
C TYR B 92 -1.81 23.25 -6.41
N PRO B 93 -1.30 24.45 -6.11
CA PRO B 93 -0.37 24.72 -5.01
C PRO B 93 -1.06 25.04 -3.70
N ALA B 94 -0.27 25.17 -2.62
CA ALA B 94 -0.82 25.51 -1.33
C ALA B 94 -1.15 26.99 -1.23
N ASN B 95 -0.46 27.84 -1.97
CA ASN B 95 -0.67 29.28 -1.93
C ASN B 95 -0.63 29.83 -3.35
N ASN B 96 -1.52 30.78 -3.62
CA ASN B 96 -1.60 31.48 -4.90
C ASN B 96 -1.88 30.47 -6.02
N THR B 97 -1.50 30.81 -7.24
CA THR B 97 -1.70 29.97 -8.42
C THR B 97 -0.37 29.82 -9.15
N VAL B 98 -0.36 28.92 -10.13
CA VAL B 98 0.79 28.71 -11.01
C VAL B 98 0.29 28.65 -12.46
N SER B 99 1.23 28.42 -13.38
CA SER B 99 0.91 28.41 -14.79
C SER B 99 0.00 27.24 -15.15
N GLN B 100 -0.44 27.21 -16.40
CA GLN B 100 -1.30 26.13 -16.86
C GLN B 100 -0.52 24.83 -17.03
N GLU B 101 0.67 24.90 -17.61
CA GLU B 101 1.46 23.69 -17.80
C GLU B 101 2.03 23.17 -16.49
N GLN B 102 2.28 24.05 -15.53
CA GLN B 102 2.68 23.59 -14.20
C GLN B 102 1.53 22.88 -13.50
N ALA B 103 0.30 23.39 -13.65
CA ALA B 103 -0.86 22.70 -13.13
C ALA B 103 -1.12 21.40 -13.89
N ASN B 104 -0.83 21.38 -15.19
CA ASN B 104 -1.00 20.17 -15.98
C ASN B 104 0.09 19.15 -15.71
N LYS B 105 1.31 19.61 -15.39
CA LYS B 105 2.39 18.68 -15.10
C LYS B 105 2.15 17.95 -13.77
N TRP B 106 1.58 18.65 -12.78
CA TRP B 106 1.30 18.01 -11.51
C TRP B 106 -0.03 17.28 -11.51
N LEU B 107 -0.90 17.54 -12.48
CA LEU B 107 -2.09 16.72 -12.64
C LEU B 107 -1.71 15.30 -13.08
N THR B 108 -0.77 15.18 -14.02
CA THR B 108 -0.32 13.87 -14.45
C THR B 108 0.39 13.13 -13.33
N GLU B 109 1.25 13.83 -12.57
CA GLU B 109 2.02 13.18 -11.52
C GLU B 109 1.12 12.69 -10.39
N LEU B 110 0.08 13.46 -10.06
CA LEU B 110 -0.83 13.04 -9.00
C LEU B 110 -1.91 12.09 -9.54
N GLY B 111 -2.46 12.38 -10.70
CA GLY B 111 -3.48 11.54 -11.29
C GLY B 111 -4.74 12.31 -11.64
N GLY B 112 -5.23 12.14 -12.87
CA GLY B 112 -6.45 12.80 -13.29
C GLY B 112 -7.67 12.40 -12.49
N THR B 113 -7.65 11.23 -11.85
CA THR B 113 -8.75 10.82 -10.99
C THR B 113 -8.75 11.57 -9.67
N ILE B 114 -7.56 11.83 -9.13
CA ILE B 114 -7.46 12.43 -7.80
C ILE B 114 -7.62 13.94 -7.87
N GLY B 115 -7.02 14.58 -8.88
CA GLY B 115 -7.05 16.02 -9.01
C GLY B 115 -7.67 16.47 -10.32
N LYS B 116 -7.87 17.78 -10.43
CA LYS B 116 -8.45 18.38 -11.63
C LYS B 116 -7.90 19.78 -11.80
N VAL B 117 -7.46 20.11 -13.00
CA VAL B 117 -6.87 21.42 -13.27
C VAL B 117 -8.00 22.43 -13.46
N SER B 118 -7.95 23.51 -12.69
CA SER B 118 -8.95 24.55 -12.77
C SER B 118 -8.28 25.91 -12.85
N GLN B 119 -8.94 26.85 -13.52
CA GLN B 119 -8.46 28.22 -13.64
C GLN B 119 -9.24 29.12 -12.68
N LYS B 120 -8.51 29.88 -11.88
CA LYS B 120 -9.10 30.89 -11.00
C LYS B 120 -9.04 32.29 -11.61
N ASN B 121 -8.95 32.36 -12.95
CA ASN B 121 -8.79 33.58 -13.75
C ASN B 121 -7.34 34.05 -13.76
N GLY B 122 -6.64 33.79 -14.86
CA GLY B 122 -5.23 34.11 -14.96
C GLY B 122 -4.35 32.95 -14.55
N GLY B 123 -4.46 32.54 -13.30
CA GLY B 123 -3.68 31.41 -12.79
C GLY B 123 -4.51 30.16 -12.61
N TYR B 124 -3.85 29.01 -12.48
CA TYR B 124 -4.51 27.73 -12.37
C TYR B 124 -4.13 27.06 -11.04
N VAL B 125 -4.88 26.03 -10.69
CA VAL B 125 -4.58 25.17 -9.55
C VAL B 125 -4.92 23.74 -9.93
N VAL B 126 -4.47 22.80 -9.08
CA VAL B 126 -4.89 21.42 -9.19
C VAL B 126 -5.87 21.15 -8.04
N SER B 127 -7.15 21.44 -8.28
CA SER B 127 -8.15 21.28 -7.24
C SER B 127 -8.45 19.81 -7.01
N ILE B 128 -9.00 19.52 -5.82
CA ILE B 128 -9.39 18.16 -5.49
C ILE B 128 -10.55 17.75 -6.39
N ASN B 129 -10.38 16.65 -7.11
CA ASN B 129 -11.42 16.14 -7.99
C ASN B 129 -12.59 15.63 -7.14
N MET B 130 -13.72 16.32 -7.21
CA MET B 130 -14.89 15.98 -6.42
C MET B 130 -15.87 15.11 -7.19
N THR B 131 -15.40 14.36 -8.18
CA THR B 131 -16.28 13.45 -8.92
C THR B 131 -16.96 12.42 -8.03
N PRO B 132 -16.30 11.76 -7.08
CA PRO B 132 -17.04 10.84 -6.20
C PRO B 132 -18.17 11.50 -5.44
N ILE B 133 -17.95 12.72 -4.94
CA ILE B 133 -19.00 13.42 -4.19
C ILE B 133 -20.13 13.82 -5.12
N ASP B 134 -19.81 14.34 -6.31
CA ASP B 134 -20.84 14.75 -7.25
C ASP B 134 -21.59 13.55 -7.81
N ASN B 135 -20.92 12.40 -7.94
CA ASN B 135 -21.62 11.19 -8.36
C ASN B 135 -22.62 10.74 -7.29
N MET B 136 -22.28 10.93 -6.01
CA MET B 136 -23.20 10.59 -4.94
C MET B 136 -24.44 11.48 -4.98
N LEU B 137 -24.25 12.76 -5.29
CA LEU B 137 -25.36 13.71 -5.21
C LEU B 137 -26.39 13.46 -6.30
N LYS B 138 -25.95 13.14 -7.51
CA LYS B 138 -26.90 12.89 -8.60
C LYS B 138 -27.59 11.54 -8.44
N SER B 139 -26.89 10.53 -7.92
CA SER B 139 -27.54 9.29 -7.57
C SER B 139 -28.54 9.51 -6.43
N LEU B 140 -28.19 10.38 -5.48
CA LEU B 140 -29.15 10.83 -4.48
C LEU B 140 -30.30 11.57 -5.14
N ASP B 141 -29.99 12.43 -6.12
CA ASP B 141 -31.01 13.21 -6.81
C ASP B 141 -31.98 12.34 -7.61
N ASN B 142 -31.56 11.14 -8.01
CA ASN B 142 -32.39 10.25 -8.81
C ASN B 142 -33.18 9.25 -7.98
N LEU B 143 -33.06 9.29 -6.66
CA LEU B 143 -33.73 8.31 -5.81
C LEU B 143 -35.25 8.46 -5.80
N GLY B 144 -35.77 9.57 -6.30
CA GLY B 144 -37.21 9.75 -6.34
C GLY B 144 -37.75 10.57 -5.18
N GLY B 145 -38.51 11.62 -5.48
CA GLY B 145 -38.99 12.53 -4.48
C GLY B 145 -37.91 13.53 -4.06
N ASN B 146 -38.36 14.62 -3.44
CA ASN B 146 -37.44 15.63 -2.96
C ASN B 146 -37.45 15.67 -1.43
N GLY B 147 -37.07 14.56 -0.81
CA GLY B 147 -37.06 14.47 0.64
C GLY B 147 -36.74 13.06 1.08
N GLU B 148 -37.23 12.71 2.27
CA GLU B 148 -37.03 11.36 2.79
C GLU B 148 -37.73 10.36 1.88
N VAL B 149 -37.00 9.31 1.49
CA VAL B 149 -37.51 8.28 0.59
C VAL B 149 -37.51 6.95 1.34
N VAL B 150 -38.63 6.23 1.26
CA VAL B 150 -38.72 4.88 1.80
C VAL B 150 -38.05 3.93 0.81
N LEU B 151 -36.99 3.28 1.25
CA LEU B 151 -36.18 2.42 0.40
C LEU B 151 -36.33 0.98 0.85
N ASP B 152 -37.03 0.17 0.06
CA ASP B 152 -37.08 -1.26 0.30
C ASP B 152 -35.66 -1.84 0.21
N ASN B 153 -35.48 -2.99 0.87
CA ASN B 153 -34.13 -3.57 0.97
C ASN B 153 -33.55 -3.94 -0.38
N ALA B 154 -34.39 -4.03 -1.42
CA ALA B 154 -33.87 -4.34 -2.75
C ALA B 154 -33.26 -3.12 -3.42
N LYS B 155 -33.84 -1.94 -3.20
CA LYS B 155 -33.36 -0.71 -3.82
C LYS B 155 -32.46 0.12 -2.91
N TYR B 156 -32.53 -0.09 -1.58
CA TYR B 156 -31.47 0.40 -0.73
C TYR B 156 -30.19 -0.41 -0.95
N GLN B 157 -30.34 -1.65 -1.42
CA GLN B 157 -29.19 -2.45 -1.80
C GLN B 157 -28.44 -1.83 -2.97
N ALA B 158 -29.16 -1.25 -3.92
CA ALA B 158 -28.53 -0.71 -5.12
C ALA B 158 -27.88 0.65 -4.86
N TRP B 159 -28.52 1.50 -4.08
CA TRP B 159 -27.96 2.83 -3.82
C TRP B 159 -26.71 2.75 -2.96
N ASN B 160 -26.77 2.00 -1.86
CA ASN B 160 -25.63 1.91 -0.97
C ASN B 160 -24.44 1.21 -1.63
N ALA B 161 -24.71 0.30 -2.57
CA ALA B 161 -23.61 -0.34 -3.29
C ALA B 161 -22.84 0.68 -4.12
N GLY B 162 -23.54 1.61 -4.77
CA GLY B 162 -22.87 2.66 -5.49
C GLY B 162 -22.32 3.76 -4.61
N PHE B 163 -22.99 4.03 -3.49
CA PHE B 163 -22.49 5.05 -2.56
C PHE B 163 -21.18 4.61 -1.92
N SER B 164 -21.11 3.35 -1.49
CA SER B 164 -19.86 2.84 -0.92
C SER B 164 -18.77 2.68 -1.95
N ALA B 165 -19.13 2.53 -3.23
CA ALA B 165 -18.11 2.44 -4.28
C ALA B 165 -17.39 3.76 -4.46
N GLU B 166 -18.15 4.87 -4.53
CA GLU B 166 -17.52 6.18 -4.61
C GLU B 166 -16.73 6.51 -3.35
N ASP B 167 -17.18 5.98 -2.20
CA ASP B 167 -16.36 6.08 -0.99
C ASP B 167 -15.10 5.23 -1.13
N GLU B 168 -15.23 4.03 -1.68
CA GLU B 168 -14.06 3.18 -1.91
C GLU B 168 -13.11 3.83 -2.90
N THR B 169 -13.62 4.64 -3.83
CA THR B 169 -12.76 5.31 -4.80
C THR B 169 -11.87 6.34 -4.10
N MET B 170 -12.45 7.15 -3.22
CA MET B 170 -11.67 8.16 -2.50
C MET B 170 -10.61 7.53 -1.61
N LYS B 171 -10.89 6.35 -1.04
CA LYS B 171 -9.88 5.66 -0.26
C LYS B 171 -8.76 5.14 -1.16
N ASN B 172 -9.11 4.55 -2.30
CA ASN B 172 -8.10 4.13 -3.26
C ASN B 172 -7.32 5.33 -3.79
N ASN B 173 -8.00 6.46 -3.98
CA ASN B 173 -7.31 7.69 -4.38
C ASN B 173 -6.36 8.14 -3.29
N LEU B 174 -6.80 8.13 -2.03
CA LEU B 174 -5.93 8.53 -0.94
C LEU B 174 -4.78 7.54 -0.74
N GLN B 175 -5.03 6.25 -0.96
CA GLN B 175 -4.00 5.24 -0.75
C GLN B 175 -2.85 5.42 -1.73
N THR B 176 -3.17 5.63 -3.02
CA THR B 176 -2.13 5.80 -4.02
C THR B 176 -1.42 7.14 -3.88
N LEU B 177 -2.13 8.16 -3.40
CA LEU B 177 -1.48 9.44 -3.11
C LEU B 177 -0.52 9.31 -1.93
N VAL B 178 -0.91 8.53 -0.91
CA VAL B 178 -0.01 8.28 0.21
C VAL B 178 1.19 7.47 -0.24
N GLN B 179 0.98 6.52 -1.16
CA GLN B 179 2.08 5.69 -1.63
C GLN B 179 3.05 6.49 -2.51
N LYS B 180 2.51 7.38 -3.34
CA LYS B 180 3.38 8.21 -4.17
C LYS B 180 4.23 9.15 -3.31
N TYR B 181 3.64 9.71 -2.26
CA TYR B 181 4.41 10.51 -1.32
C TYR B 181 5.44 9.67 -0.58
N SER B 182 5.12 8.40 -0.31
CA SER B 182 6.08 7.51 0.34
C SER B 182 7.29 7.27 -0.55
N ASN B 183 7.07 7.03 -1.84
CA ASN B 183 8.19 6.85 -2.76
C ASN B 183 8.93 8.16 -3.00
N ALA B 184 8.21 9.29 -3.03
CA ALA B 184 8.86 10.58 -3.19
C ALA B 184 9.83 10.85 -2.05
N ASN B 185 9.44 10.54 -0.82
CA ASN B 185 10.36 10.66 0.30
C ASN B 185 11.51 9.67 0.19
N SER B 186 11.26 8.48 -0.36
CA SER B 186 12.32 7.50 -0.51
C SER B 186 13.28 7.87 -1.63
N ILE B 187 12.77 8.50 -2.70
CA ILE B 187 13.65 9.01 -3.74
C ILE B 187 14.54 10.12 -3.19
N PHE B 188 13.95 11.00 -2.37
CA PHE B 188 14.73 12.05 -1.73
C PHE B 188 15.79 11.47 -0.80
N ASP B 189 15.40 10.47 0.00
CA ASP B 189 16.35 9.84 0.92
C ASP B 189 17.52 9.22 0.16
N ASN B 190 17.21 8.47 -0.90
CA ASN B 190 18.27 7.86 -1.69
C ASN B 190 19.10 8.91 -2.41
N LEU B 191 18.45 9.96 -2.92
CA LEU B 191 19.17 11.03 -3.58
C LEU B 191 20.12 11.76 -2.63
N VAL B 192 19.85 11.71 -1.32
CA VAL B 192 20.77 12.30 -0.35
C VAL B 192 21.98 11.39 -0.15
N LYS B 193 21.74 10.08 0.03
CA LYS B 193 22.84 9.16 0.26
C LYS B 193 23.74 9.02 -0.95
N VAL B 194 23.18 9.16 -2.16
CA VAL B 194 23.99 9.03 -3.37
C VAL B 194 24.96 10.19 -3.50
N LEU B 195 24.62 11.35 -2.96
CA LEU B 195 25.47 12.54 -3.08
C LEU B 195 26.48 12.65 -1.94
N SER B 196 26.18 12.12 -0.75
CA SER B 196 27.21 12.01 0.27
C SER B 196 28.27 10.98 -0.11
N SER B 197 27.99 10.15 -1.11
CA SER B 197 28.95 9.17 -1.59
C SER B 197 30.20 9.82 -2.18
N THR B 198 30.10 11.07 -2.61
CA THR B 198 31.21 11.70 -3.31
C THR B 198 32.34 12.09 -2.36
N ILE B 199 32.06 12.32 -1.09
CA ILE B 199 33.09 12.76 -0.15
C ILE B 199 33.68 11.60 0.65
#